data_2M4Q
#
_entry.id   2M4Q
#
loop_
_entity.id
_entity.type
_entity.pdbx_description
1 polymer 'RNA (27-MER)'
2 non-polymer APRAMYCIN
#
_entity_poly.entity_id   1
_entity_poly.type   'polyribonucleotide'
_entity_poly.pdbx_seq_one_letter_code
;GGCGUCACACCUUCGGGUGAAGUCGCC
;
_entity_poly.pdbx_strand_id   1
#